data_8QC7
#
_entry.id   8QC7
#
_cell.length_a   143.196
_cell.length_b   53.046
_cell.length_c   91.070
_cell.angle_alpha   90.000
_cell.angle_beta   126.930
_cell.angle_gamma   90.000
#
_symmetry.space_group_name_H-M   'C 1 2 1'
#
loop_
_entity.id
_entity.type
_entity.pdbx_description
1 polymer '4-diphosphocytidyl-2-C-methyl-D-erythritol kinase'
2 non-polymer 4-DIPHOSPHOCYTIDYL-2-C-METHYL-D-ERYTHRITOL
3 non-polymer "ADENOSINE-5'-DIPHOSPHATE"
4 non-polymer 'MAGNESIUM ION'
5 water water
#
_entity_poly.entity_id   1
_entity_poly.type   'polypeptide(L)'
_entity_poly.pdbx_seq_one_letter_code
;MRTQWPSPAKLNLFLYITGQRADGYHTLQTLFQFLDYGDTISIELRDDGDIRLLTPVEGVEHEDNLIVRAARLLMKTAAD
SGRLPTGSGANISIDKRLPVGGGLGGGSSNAATVLVALNHLWQCGLSMDELAEMGLTLGADVPVFVRGHAAFAEGVGEIL
TPVDPPEKWYLVAHPGVSIPTPVIFKDPELPRNTPKRSIETLLKCEFSNDCEVIARKRFREVDAVLSWLLEYAPSRLTGT
GACVFAEFDTESEARQVLEQAPEWLNGFVAKGVNLSPLHRAMLL
;
_entity_poly.pdbx_strand_id   A,B
#
# COMPACT_ATOMS: atom_id res chain seq x y z
N ARG A 2 13.46 -0.08 14.53
CA ARG A 2 13.37 0.14 13.10
C ARG A 2 12.45 1.32 12.77
N THR A 3 12.89 2.15 11.82
CA THR A 3 12.13 3.31 11.37
C THR A 3 11.77 3.15 9.90
N GLN A 4 10.61 3.69 9.53
CA GLN A 4 10.11 3.64 8.16
C GLN A 4 9.95 5.04 7.62
N TRP A 5 10.36 5.25 6.36
CA TRP A 5 10.43 6.58 5.79
C TRP A 5 9.84 6.59 4.38
N PRO A 6 8.89 7.48 4.10
CA PRO A 6 8.36 7.58 2.75
C PRO A 6 9.40 8.08 1.76
N SER A 7 9.26 7.62 0.51
CA SER A 7 10.09 8.06 -0.60
C SER A 7 9.15 8.30 -1.77
N PRO A 8 8.56 9.49 -1.87
CA PRO A 8 7.50 9.72 -2.84
C PRO A 8 8.04 9.94 -4.26
N ALA A 9 7.15 9.72 -5.22
CA ALA A 9 7.40 10.11 -6.60
C ALA A 9 7.19 11.61 -6.77
N LYS A 10 7.63 12.13 -7.92
CA LYS A 10 7.36 13.51 -8.30
C LYS A 10 6.89 13.55 -9.75
N LEU A 11 6.16 14.62 -10.08
CA LEU A 11 5.82 14.93 -11.45
C LEU A 11 6.41 16.28 -11.83
N ASN A 12 6.78 16.42 -13.09
CA ASN A 12 7.04 17.74 -13.67
C ASN A 12 5.72 18.23 -14.25
N LEU A 13 5.00 19.07 -13.51
CA LEU A 13 3.74 19.61 -14.03
C LEU A 13 3.98 20.36 -15.34
N PHE A 14 5.12 21.04 -15.44
CA PHE A 14 5.62 21.51 -16.73
C PHE A 14 7.14 21.41 -16.70
N LEU A 15 7.74 21.51 -17.87
CA LEU A 15 9.18 21.29 -18.01
C LEU A 15 9.62 21.98 -19.29
N TYR A 16 10.40 23.05 -19.16
CA TYR A 16 10.86 23.81 -20.31
C TYR A 16 12.38 23.87 -20.30
N ILE A 17 13.00 23.58 -21.45
CA ILE A 17 14.45 23.60 -21.59
C ILE A 17 14.83 24.97 -22.16
N THR A 18 15.56 25.74 -21.36
CA THR A 18 15.92 27.11 -21.74
C THR A 18 17.35 27.24 -22.26
N GLY A 19 18.18 26.21 -22.09
CA GLY A 19 19.54 26.28 -22.57
C GLY A 19 20.34 25.09 -22.10
N GLN A 20 21.64 25.13 -22.41
CA GLN A 20 22.56 24.06 -22.06
C GLN A 20 23.92 24.67 -21.73
N ARG A 21 24.48 24.30 -20.57
CA ARG A 21 25.80 24.76 -20.21
C ARG A 21 26.88 23.82 -20.77
N ALA A 22 28.13 24.26 -20.67
CA ALA A 22 29.23 23.54 -21.29
C ALA A 22 29.52 22.21 -20.59
N ASP A 23 29.11 22.04 -19.35
CA ASP A 23 29.31 20.74 -18.70
C ASP A 23 28.35 19.68 -19.23
N GLY A 24 27.48 20.02 -20.18
CA GLY A 24 26.55 19.09 -20.77
C GLY A 24 25.14 19.18 -20.25
N TYR A 25 24.94 19.81 -19.09
CA TYR A 25 23.64 19.84 -18.46
C TYR A 25 22.77 20.94 -19.06
N HIS A 26 21.47 20.78 -18.91
CA HIS A 26 20.50 21.68 -19.51
C HIS A 26 19.88 22.57 -18.45
N THR A 27 19.78 23.86 -18.78
CA THR A 27 19.05 24.79 -17.94
C THR A 27 17.57 24.69 -18.25
N LEU A 28 16.74 24.74 -17.22
CA LEU A 28 15.32 24.50 -17.41
C LEU A 28 14.50 25.38 -16.49
N GLN A 29 13.19 25.35 -16.74
CA GLN A 29 12.19 25.95 -15.88
C GLN A 29 11.11 24.91 -15.71
N THR A 30 10.92 24.44 -14.48
CA THR A 30 10.00 23.35 -14.26
C THR A 30 9.27 23.55 -12.94
N LEU A 31 8.15 22.85 -12.81
CA LEU A 31 7.30 22.91 -11.64
C LEU A 31 7.17 21.50 -11.09
N PHE A 32 7.83 21.25 -9.95
CA PHE A 32 7.76 19.96 -9.28
C PHE A 32 6.55 19.90 -8.35
N GLN A 33 5.86 18.77 -8.38
CA GLN A 33 4.91 18.44 -7.32
C GLN A 33 5.13 16.98 -6.96
N PHE A 34 4.89 16.66 -5.69
CA PHE A 34 5.04 15.29 -5.24
C PHE A 34 3.74 14.53 -5.47
N LEU A 35 3.82 13.20 -5.36
CA LEU A 35 2.65 12.33 -5.31
C LEU A 35 2.57 11.70 -3.93
N ASP A 36 1.36 11.61 -3.39
CA ASP A 36 1.18 10.85 -2.15
C ASP A 36 1.24 9.37 -2.47
N TYR A 37 2.41 8.92 -2.93
CA TYR A 37 2.59 7.57 -3.45
C TYR A 37 4.06 7.37 -3.79
N GLY A 38 4.64 6.26 -3.34
CA GLY A 38 6.02 5.99 -3.67
C GLY A 38 6.56 4.81 -2.92
N ASP A 39 7.87 4.81 -2.71
CA ASP A 39 8.54 3.72 -2.03
C ASP A 39 8.53 3.96 -0.52
N THR A 40 8.71 2.88 0.22
CA THR A 40 8.92 2.94 1.67
C THR A 40 10.30 2.39 1.96
N ILE A 41 11.08 3.15 2.73
CA ILE A 41 12.44 2.79 3.10
C ILE A 41 12.49 2.65 4.61
N SER A 42 12.96 1.50 5.07
CA SER A 42 13.08 1.21 6.50
C SER A 42 14.55 1.15 6.86
N ILE A 43 14.88 1.71 8.03
CA ILE A 43 16.27 1.80 8.49
C ILE A 43 16.35 1.20 9.89
N GLU A 44 17.41 0.43 10.11
CA GLU A 44 17.76 -0.08 11.43
C GLU A 44 19.22 0.31 11.67
N LEU A 45 19.46 1.03 12.75
CA LEU A 45 20.80 1.53 13.01
C LEU A 45 21.75 0.38 13.33
N ARG A 46 22.99 0.52 12.86
CA ARG A 46 24.08 -0.37 13.23
C ARG A 46 25.06 0.38 14.12
N ASP A 47 25.80 -0.37 14.93
CA ASP A 47 26.85 0.21 15.76
C ASP A 47 28.24 -0.14 15.28
N ASP A 48 28.38 -0.92 14.22
CA ASP A 48 29.67 -1.32 13.67
C ASP A 48 30.08 -0.48 12.46
N GLY A 49 29.40 0.64 12.23
CA GLY A 49 29.79 1.56 11.19
C GLY A 49 29.58 1.09 9.76
N ASP A 50 28.83 0.01 9.56
CA ASP A 50 28.57 -0.49 8.22
C ASP A 50 27.35 0.18 7.61
N ILE A 51 27.26 0.09 6.29
CA ILE A 51 26.07 0.48 5.54
C ILE A 51 25.72 -0.69 4.62
N ARG A 52 24.56 -1.30 4.87
CA ARG A 52 24.12 -2.49 4.15
C ARG A 52 22.72 -2.24 3.60
N LEU A 53 22.57 -2.27 2.28
CA LEU A 53 21.26 -2.30 1.64
C LEU A 53 20.84 -3.76 1.53
N LEU A 54 19.86 -4.16 2.34
CA LEU A 54 19.49 -5.56 2.42
C LEU A 54 18.61 -6.02 1.27
N THR A 55 17.83 -5.12 0.69
CA THR A 55 16.91 -5.46 -0.38
CA THR A 55 16.91 -5.46 -0.38
C THR A 55 17.44 -4.93 -1.71
N PRO A 56 17.92 -5.79 -2.61
CA PRO A 56 18.47 -5.28 -3.86
C PRO A 56 17.39 -4.68 -4.75
N VAL A 57 17.78 -3.66 -5.50
CA VAL A 57 16.92 -3.03 -6.50
C VAL A 57 17.32 -3.60 -7.86
N GLU A 58 16.32 -4.07 -8.61
CA GLU A 58 16.58 -4.82 -9.82
C GLU A 58 17.52 -4.07 -10.75
N GLY A 59 18.57 -4.76 -11.22
CA GLY A 59 19.51 -4.19 -12.15
C GLY A 59 20.48 -3.18 -11.59
N VAL A 60 20.53 -3.01 -10.27
CA VAL A 60 21.41 -2.04 -9.63
C VAL A 60 22.36 -2.76 -8.69
N GLU A 61 23.67 -2.58 -8.90
CA GLU A 61 24.66 -3.08 -7.96
C GLU A 61 24.57 -2.32 -6.65
N HIS A 62 24.90 -3.01 -5.55
CA HIS A 62 24.85 -2.40 -4.22
C HIS A 62 25.53 -1.04 -4.20
N GLU A 63 26.80 -1.01 -4.59
CA GLU A 63 27.59 0.22 -4.50
C GLU A 63 27.20 1.25 -5.56
N ASP A 64 26.45 0.85 -6.58
CA ASP A 64 25.87 1.77 -7.55
C ASP A 64 24.51 2.30 -7.13
N ASN A 65 23.90 1.70 -6.12
CA ASN A 65 22.57 2.11 -5.69
C ASN A 65 22.61 3.48 -5.03
N LEU A 66 21.69 4.36 -5.44
CA LEU A 66 21.66 5.71 -4.89
C LEU A 66 21.38 5.70 -3.39
N ILE A 67 20.71 4.67 -2.89
CA ILE A 67 20.52 4.54 -1.45
C ILE A 67 21.86 4.44 -0.75
N VAL A 68 22.72 3.54 -1.24
CA VAL A 68 24.04 3.33 -0.63
C VAL A 68 24.92 4.56 -0.84
N ARG A 69 24.95 5.08 -2.06
CA ARG A 69 25.77 6.25 -2.33
C ARG A 69 25.36 7.42 -1.45
N ALA A 70 24.05 7.64 -1.28
CA ALA A 70 23.60 8.68 -0.36
C ALA A 70 24.15 8.44 1.04
N ALA A 71 23.92 7.25 1.59
CA ALA A 71 24.36 6.95 2.95
C ALA A 71 25.87 7.13 3.10
N ARG A 72 26.65 6.65 2.12
CA ARG A 72 28.10 6.77 2.22
C ARG A 72 28.55 8.22 2.06
N LEU A 73 27.86 8.98 1.21
CA LEU A 73 28.20 10.40 1.08
C LEU A 73 27.94 11.15 2.38
N LEU A 74 26.79 10.87 3.02
CA LEU A 74 26.51 11.50 4.30
C LEU A 74 27.51 11.05 5.36
N MET A 75 27.88 9.77 5.36
CA MET A 75 28.85 9.30 6.34
C MET A 75 30.19 10.02 6.16
N LYS A 76 30.65 10.17 4.92
CA LYS A 76 31.94 10.80 4.68
C LYS A 76 31.91 12.27 5.06
N THR A 77 30.87 12.99 4.64
CA THR A 77 30.75 14.41 4.97
C THR A 77 30.73 14.62 6.49
N ALA A 78 29.86 13.88 7.18
CA ALA A 78 29.76 14.05 8.63
C ALA A 78 31.08 13.75 9.32
N ALA A 79 31.77 12.68 8.91
CA ALA A 79 33.02 12.33 9.57
C ALA A 79 34.13 13.32 9.24
N ASP A 80 34.12 13.90 8.04
CA ASP A 80 35.12 14.91 7.68
C ASP A 80 35.03 16.14 8.56
N SER A 81 33.89 16.35 9.25
CA SER A 81 33.67 17.52 10.07
C SER A 81 33.21 17.18 11.48
N GLY A 82 33.51 15.97 11.95
CA GLY A 82 33.27 15.60 13.34
C GLY A 82 31.80 15.52 13.73
N ARG A 83 30.91 15.27 12.77
CA ARG A 83 29.48 15.23 13.03
C ARG A 83 28.92 13.82 12.98
N LEU A 84 29.78 12.80 13.08
CA LEU A 84 29.37 11.40 12.96
C LEU A 84 29.71 10.64 14.24
N PRO A 85 28.73 10.35 15.09
CA PRO A 85 29.01 9.56 16.29
C PRO A 85 29.71 8.26 15.94
N THR A 86 30.71 7.91 16.74
CA THR A 86 31.51 6.73 16.47
C THR A 86 30.63 5.50 16.29
N GLY A 87 30.92 4.72 15.25
CA GLY A 87 30.20 3.49 14.98
C GLY A 87 28.92 3.65 14.19
N SER A 88 28.58 4.85 13.75
CA SER A 88 27.32 5.05 13.03
C SER A 88 27.26 4.19 11.78
N GLY A 89 26.16 3.46 11.62
CA GLY A 89 25.91 2.67 10.44
C GLY A 89 24.43 2.39 10.34
N ALA A 90 24.05 1.60 9.34
CA ALA A 90 22.64 1.30 9.18
C ALA A 90 22.43 0.10 8.27
N ASN A 91 21.40 -0.67 8.59
CA ASN A 91 20.83 -1.65 7.69
C ASN A 91 19.60 -1.02 7.03
N ILE A 92 19.61 -0.93 5.70
CA ILE A 92 18.54 -0.27 4.96
C ILE A 92 17.81 -1.30 4.10
N SER A 93 16.49 -1.17 4.05
CA SER A 93 15.67 -1.97 3.15
C SER A 93 14.60 -1.07 2.56
N ILE A 94 14.19 -1.39 1.33
CA ILE A 94 13.24 -0.58 0.58
C ILE A 94 12.15 -1.49 0.04
N ASP A 95 10.91 -1.02 0.12
CA ASP A 95 9.79 -1.62 -0.59
C ASP A 95 9.54 -0.73 -1.80
N LYS A 96 10.02 -1.15 -2.96
CA LYS A 96 10.00 -0.31 -4.15
C LYS A 96 8.69 -0.49 -4.89
N ARG A 97 7.96 0.60 -5.06
CA ARG A 97 6.77 0.65 -5.90
C ARG A 97 6.97 1.42 -7.18
N LEU A 98 7.98 2.29 -7.24
CA LEU A 98 8.19 3.13 -8.41
C LEU A 98 9.08 2.40 -9.41
N PRO A 99 8.65 2.22 -10.66
CA PRO A 99 9.47 1.48 -11.63
C PRO A 99 10.84 2.14 -11.82
N VAL A 100 11.88 1.30 -11.82
CA VAL A 100 13.25 1.80 -11.90
C VAL A 100 13.46 2.47 -13.25
N GLY A 101 13.88 3.74 -13.22
CA GLY A 101 14.07 4.49 -14.45
C GLY A 101 12.78 4.78 -15.20
N GLY A 102 11.63 4.67 -14.53
CA GLY A 102 10.36 4.79 -15.23
C GLY A 102 9.99 6.22 -15.58
N GLY A 103 10.48 7.18 -14.81
CA GLY A 103 10.19 8.57 -15.10
C GLY A 103 9.70 9.38 -13.92
N LEU A 104 9.35 8.69 -12.84
CA LEU A 104 8.83 9.33 -11.63
C LEU A 104 9.94 9.77 -10.66
N GLY A 105 11.20 9.58 -11.02
CA GLY A 105 12.30 10.00 -10.15
C GLY A 105 12.46 9.19 -8.89
N GLY A 106 12.19 7.88 -8.95
CA GLY A 106 12.23 7.06 -7.75
C GLY A 106 13.62 6.98 -7.12
N GLY A 107 14.63 6.75 -7.95
CA GLY A 107 16.00 6.73 -7.44
C GLY A 107 16.39 8.06 -6.81
N SER A 108 16.07 9.16 -7.49
CA SER A 108 16.30 10.49 -6.93
C SER A 108 15.67 10.62 -5.55
N SER A 109 14.41 10.17 -5.45
CA SER A 109 13.68 10.27 -4.19
C SER A 109 14.27 9.35 -3.12
N ASN A 110 14.73 8.16 -3.52
CA ASN A 110 15.35 7.24 -2.58
C ASN A 110 16.56 7.87 -1.91
N ALA A 111 17.42 8.51 -2.70
CA ALA A 111 18.61 9.15 -2.15
C ALA A 111 18.23 10.23 -1.16
N ALA A 112 17.25 11.05 -1.51
CA ALA A 112 16.86 12.16 -0.64
C ALA A 112 16.35 11.66 0.70
N THR A 113 15.50 10.63 0.68
CA THR A 113 14.97 10.09 1.93
C THR A 113 16.07 9.55 2.82
N VAL A 114 17.06 8.86 2.23
CA VAL A 114 18.16 8.31 3.02
C VAL A 114 18.99 9.44 3.63
N LEU A 115 19.26 10.50 2.85
CA LEU A 115 19.99 11.65 3.38
C LEU A 115 19.26 12.25 4.58
N VAL A 116 17.97 12.57 4.39
CA VAL A 116 17.20 13.21 5.44
C VAL A 116 17.02 12.28 6.63
N ALA A 117 16.73 11.01 6.38
CA ALA A 117 16.48 10.07 7.47
C ALA A 117 17.74 9.82 8.28
N LEU A 118 18.84 9.44 7.62
CA LEU A 118 20.07 9.16 8.34
C LEU A 118 20.65 10.41 8.99
N ASN A 119 20.51 11.57 8.35
CA ASN A 119 20.89 12.81 9.02
C ASN A 119 20.19 12.93 10.35
N HIS A 120 18.92 12.52 10.41
CA HIS A 120 18.15 12.56 11.64
C HIS A 120 18.57 11.45 12.60
N LEU A 121 18.75 10.23 12.09
CA LEU A 121 18.99 9.10 12.97
C LEU A 121 20.40 9.11 13.55
N TRP A 122 21.40 9.41 12.73
CA TRP A 122 22.78 9.54 13.20
C TRP A 122 23.00 10.84 13.97
N GLN A 123 22.03 11.75 13.95
CA GLN A 123 22.14 13.04 14.65
C GLN A 123 23.33 13.84 14.12
N CYS A 124 23.44 13.91 12.78
CA CYS A 124 24.50 14.67 12.16
C CYS A 124 24.24 16.18 12.21
N GLY A 125 22.98 16.58 12.27
CA GLY A 125 22.66 17.99 12.42
C GLY A 125 22.95 18.84 11.20
N LEU A 126 23.13 18.23 10.03
CA LEU A 126 23.33 19.01 8.81
C LEU A 126 22.06 19.79 8.47
N SER A 127 22.26 20.98 7.91
CA SER A 127 21.14 21.81 7.51
C SER A 127 20.49 21.27 6.24
N MET A 128 19.31 21.80 5.94
CA MET A 128 18.65 21.44 4.68
C MET A 128 19.52 21.82 3.49
N ASP A 129 20.08 23.05 3.51
CA ASP A 129 20.94 23.49 2.42
C ASP A 129 22.12 22.56 2.24
N GLU A 130 22.74 22.13 3.34
CA GLU A 130 23.87 21.21 3.25
C GLU A 130 23.43 19.87 2.66
N LEU A 131 22.32 19.32 3.17
CA LEU A 131 21.81 18.06 2.62
C LEU A 131 21.47 18.20 1.15
N ALA A 132 20.74 19.25 0.79
CA ALA A 132 20.39 19.48 -0.61
C ALA A 132 21.62 19.70 -1.47
N GLU A 133 22.65 20.34 -0.91
CA GLU A 133 23.89 20.53 -1.66
C GLU A 133 24.58 19.20 -1.91
N MET A 134 24.58 18.31 -0.92
CA MET A 134 25.09 16.95 -1.13
C MET A 134 24.23 16.18 -2.12
N GLY A 135 22.91 16.33 -2.02
CA GLY A 135 22.02 15.62 -2.94
C GLY A 135 22.30 15.96 -4.39
N LEU A 136 22.59 17.24 -4.66
CA LEU A 136 22.77 17.67 -6.05
C LEU A 136 23.89 16.89 -6.74
N THR A 137 24.94 16.52 -6.00
CA THR A 137 26.00 15.72 -6.60
C THR A 137 25.52 14.33 -6.98
N LEU A 138 24.43 13.86 -6.37
CA LEU A 138 23.88 12.54 -6.68
C LEU A 138 22.87 12.58 -7.81
N GLY A 139 22.19 13.71 -8.01
CA GLY A 139 21.23 13.84 -9.09
C GLY A 139 20.54 15.20 -9.10
N ALA A 140 20.27 15.74 -10.28
CA ALA A 140 19.68 17.06 -10.38
C ALA A 140 18.31 17.14 -9.72
N ASP A 141 17.63 16.00 -9.56
CA ASP A 141 16.30 15.95 -8.98
C ASP A 141 16.32 15.69 -7.47
N VAL A 142 17.47 15.36 -6.90
CA VAL A 142 17.54 15.03 -5.48
C VAL A 142 17.19 16.24 -4.62
N PRO A 143 17.65 17.45 -4.96
CA PRO A 143 17.36 18.60 -4.07
C PRO A 143 15.89 18.85 -3.79
N VAL A 144 15.01 18.79 -4.79
CA VAL A 144 13.59 19.05 -4.52
C VAL A 144 13.09 18.09 -3.45
N PHE A 145 13.45 16.81 -3.57
CA PHE A 145 13.01 15.81 -2.60
C PHE A 145 13.58 16.09 -1.22
N VAL A 146 14.85 16.51 -1.15
CA VAL A 146 15.45 16.85 0.13
C VAL A 146 14.72 18.00 0.80
N ARG A 147 14.35 19.02 0.02
CA ARG A 147 13.76 20.21 0.60
C ARG A 147 12.26 20.07 0.89
N GLY A 148 11.57 19.14 0.22
CA GLY A 148 10.30 18.63 0.68
C GLY A 148 9.06 19.43 0.34
N HIS A 149 9.13 20.41 -0.57
CA HIS A 149 7.95 21.17 -0.96
C HIS A 149 7.86 21.33 -2.48
N ALA A 150 6.63 21.32 -2.98
CA ALA A 150 6.38 21.62 -4.38
C ALA A 150 7.05 22.93 -4.75
N ALA A 151 7.66 22.99 -5.94
CA ALA A 151 8.51 24.14 -6.18
C ALA A 151 8.69 24.41 -7.68
N PHE A 152 8.73 25.69 -8.01
CA PHE A 152 9.27 26.17 -9.27
C PHE A 152 10.80 26.03 -9.25
N ALA A 153 11.36 25.37 -10.26
CA ALA A 153 12.78 25.03 -10.26
C ALA A 153 13.47 25.64 -11.47
N GLU A 154 14.59 26.30 -11.22
CA GLU A 154 15.45 26.81 -12.28
C GLU A 154 16.82 26.18 -12.15
N GLY A 155 17.84 26.75 -12.80
CA GLY A 155 19.11 26.06 -12.87
C GLY A 155 18.93 24.71 -13.53
N VAL A 156 19.55 23.68 -12.95
CA VAL A 156 19.34 22.31 -13.41
C VAL A 156 18.26 21.61 -12.61
N GLY A 157 17.62 22.32 -11.68
CA GLY A 157 16.58 21.73 -10.84
C GLY A 157 16.78 22.07 -9.38
N GLU A 158 17.88 22.78 -9.07
CA GLU A 158 18.27 23.02 -7.68
C GLU A 158 17.89 24.40 -7.18
N ILE A 159 17.69 25.38 -8.06
CA ILE A 159 17.23 26.71 -7.66
C ILE A 159 15.71 26.62 -7.48
N LEU A 160 15.28 26.42 -6.23
CA LEU A 160 13.92 26.02 -5.92
C LEU A 160 13.18 27.15 -5.23
N THR A 161 12.04 27.54 -5.80
CA THR A 161 11.15 28.51 -5.19
C THR A 161 9.86 27.82 -4.80
N PRO A 162 9.55 27.68 -3.52
CA PRO A 162 8.32 26.98 -3.12
C PRO A 162 7.09 27.63 -3.73
N VAL A 163 6.23 26.80 -4.33
CA VAL A 163 4.94 27.21 -4.84
C VAL A 163 3.93 26.14 -4.46
N ASP A 164 2.65 26.45 -4.62
CA ASP A 164 1.56 25.59 -4.16
C ASP A 164 0.59 25.33 -5.30
N PRO A 165 0.91 24.39 -6.18
CA PRO A 165 0.01 24.08 -7.30
C PRO A 165 -1.23 23.36 -6.79
N PRO A 166 -2.32 23.39 -7.54
CA PRO A 166 -3.50 22.59 -7.14
C PRO A 166 -3.13 21.13 -7.00
N GLU A 167 -3.59 20.51 -5.92
CA GLU A 167 -3.30 19.11 -5.64
C GLU A 167 -4.32 18.22 -6.34
N LYS A 168 -4.21 18.19 -7.67
CA LYS A 168 -5.13 17.41 -8.47
C LYS A 168 -4.87 15.92 -8.29
N TRP A 169 -5.77 15.11 -8.85
CA TRP A 169 -5.58 13.68 -8.91
C TRP A 169 -5.00 13.32 -10.27
N TYR A 170 -4.19 12.26 -10.29
CA TYR A 170 -3.45 11.89 -11.49
C TYR A 170 -3.60 10.40 -11.75
N LEU A 171 -3.77 10.07 -13.04
CA LEU A 171 -3.60 8.71 -13.52
C LEU A 171 -2.19 8.63 -14.11
N VAL A 172 -1.31 7.91 -13.43
CA VAL A 172 0.09 7.81 -13.83
C VAL A 172 0.29 6.47 -14.54
N ALA A 173 0.73 6.52 -15.79
CA ALA A 173 0.87 5.34 -16.62
C ALA A 173 2.33 5.17 -17.05
N HIS A 174 2.77 3.92 -17.15
CA HIS A 174 4.14 3.61 -17.55
C HIS A 174 4.13 2.83 -18.86
N PRO A 175 4.42 3.48 -19.99
CA PRO A 175 4.56 2.74 -21.24
C PRO A 175 5.58 1.61 -21.08
N GLY A 176 5.39 0.58 -21.89
CA GLY A 176 6.26 -0.58 -21.87
C GLY A 176 7.54 -0.35 -22.64
N VAL A 177 8.36 0.58 -22.16
CA VAL A 177 9.67 0.84 -22.74
C VAL A 177 10.47 1.63 -21.71
N SER A 178 11.78 1.45 -21.73
CA SER A 178 12.70 2.15 -20.83
C SER A 178 13.44 3.22 -21.62
N ILE A 179 13.26 4.49 -21.23
CA ILE A 179 13.91 5.61 -21.88
C ILE A 179 15.09 6.04 -21.01
N PRO A 180 16.34 5.80 -21.42
CA PRO A 180 17.48 6.38 -20.69
C PRO A 180 17.45 7.89 -20.80
N THR A 181 17.49 8.56 -19.65
CA THR A 181 17.48 10.02 -19.62
C THR A 181 18.49 10.64 -20.60
N PRO A 182 19.73 10.16 -20.70
CA PRO A 182 20.67 10.76 -21.67
C PRO A 182 20.17 10.75 -23.10
N VAL A 183 19.45 9.71 -23.53
CA VAL A 183 18.98 9.66 -24.91
C VAL A 183 18.20 10.93 -25.26
N ILE A 184 17.21 11.27 -24.43
CA ILE A 184 16.42 12.47 -24.67
C ILE A 184 17.30 13.71 -24.66
N PHE A 185 18.13 13.85 -23.63
CA PHE A 185 18.89 15.09 -23.44
C PHE A 185 19.95 15.30 -24.50
N LYS A 186 20.39 14.25 -25.19
CA LYS A 186 21.36 14.38 -26.26
C LYS A 186 20.72 14.41 -27.64
N ASP A 187 19.39 14.26 -27.72
CA ASP A 187 18.72 14.30 -29.01
C ASP A 187 18.94 15.67 -29.65
N PRO A 188 19.34 15.74 -30.92
CA PRO A 188 19.55 17.04 -31.57
C PRO A 188 18.26 17.84 -31.72
N GLU A 189 17.10 17.19 -31.78
CA GLU A 189 15.83 17.87 -31.99
C GLU A 189 15.19 18.35 -30.70
N LEU A 190 15.85 18.16 -29.56
CA LEU A 190 15.27 18.58 -28.29
C LEU A 190 15.24 20.10 -28.20
N PRO A 191 14.10 20.70 -27.90
CA PRO A 191 14.09 22.15 -27.64
C PRO A 191 15.08 22.49 -26.54
N ARG A 192 15.96 23.44 -26.84
CA ARG A 192 16.90 23.98 -25.85
C ARG A 192 16.89 25.50 -25.87
N ASN A 193 15.86 26.09 -26.49
CA ASN A 193 15.79 27.53 -26.71
C ASN A 193 14.47 28.11 -26.20
N THR A 194 13.75 27.38 -25.36
CA THR A 194 12.47 27.87 -24.88
C THR A 194 12.69 29.13 -24.05
N PRO A 195 11.98 30.23 -24.33
CA PRO A 195 12.28 31.51 -23.67
C PRO A 195 12.01 31.44 -22.16
N LYS A 196 13.01 31.88 -21.38
CA LYS A 196 12.83 31.95 -19.94
C LYS A 196 11.76 32.97 -19.58
N ARG A 197 10.77 32.54 -18.82
CA ARG A 197 9.61 33.36 -18.51
C ARG A 197 9.38 33.39 -17.00
N SER A 198 8.47 34.27 -16.58
CA SER A 198 8.15 34.44 -15.18
C SER A 198 7.21 33.35 -14.70
N ILE A 199 7.23 33.13 -13.38
CA ILE A 199 6.32 32.17 -12.76
C ILE A 199 4.87 32.53 -13.05
N GLU A 200 4.58 33.83 -13.17
CA GLU A 200 3.21 34.27 -13.46
C GLU A 200 2.84 34.01 -14.91
N THR A 201 3.76 34.26 -15.84
CA THR A 201 3.56 33.83 -17.23
C THR A 201 3.41 32.30 -17.30
N LEU A 202 4.31 31.58 -16.63
CA LEU A 202 4.30 30.13 -16.70
C LEU A 202 3.06 29.53 -16.04
N LEU A 203 2.58 30.12 -14.95
CA LEU A 203 1.42 29.58 -14.26
C LEU A 203 0.13 29.81 -15.05
N LYS A 204 0.16 30.71 -16.02
CA LYS A 204 -1.01 31.03 -16.85
C LYS A 204 -0.96 30.34 -18.20
N CYS A 205 0.22 30.20 -18.79
CA CYS A 205 0.35 29.51 -20.06
C CYS A 205 0.02 28.03 -19.88
N GLU A 206 -0.38 27.40 -20.99
CA GLU A 206 -0.67 25.98 -20.94
C GLU A 206 0.58 25.20 -20.52
N PHE A 207 0.39 24.23 -19.64
CA PHE A 207 1.50 23.40 -19.17
C PHE A 207 1.88 22.40 -20.26
N SER A 208 3.18 22.26 -20.52
CA SER A 208 3.66 21.24 -21.43
C SER A 208 5.05 20.79 -20.97
N ASN A 209 5.57 19.77 -21.65
CA ASN A 209 6.87 19.19 -21.35
C ASN A 209 7.70 19.20 -22.62
N ASP A 210 8.80 19.94 -22.61
CA ASP A 210 9.61 20.09 -23.82
C ASP A 210 10.20 18.77 -24.30
N CYS A 211 10.26 17.76 -23.43
CA CYS A 211 10.81 16.46 -23.82
C CYS A 211 9.77 15.57 -24.49
N GLU A 212 8.50 15.99 -24.53
CA GLU A 212 7.43 15.09 -24.94
C GLU A 212 7.50 14.77 -26.44
N VAL A 213 7.72 15.80 -27.26
CA VAL A 213 7.71 15.60 -28.70
C VAL A 213 8.74 14.56 -29.10
N ILE A 214 9.90 14.57 -28.44
CA ILE A 214 10.95 13.60 -28.74
C ILE A 214 10.56 12.22 -28.23
N ALA A 215 10.08 12.14 -26.99
CA ALA A 215 9.71 10.84 -26.43
C ALA A 215 8.66 10.16 -27.29
N ARG A 216 7.60 10.88 -27.62
CA ARG A 216 6.49 10.31 -28.38
C ARG A 216 6.91 9.93 -29.79
N LYS A 217 7.84 10.69 -30.37
CA LYS A 217 8.28 10.40 -31.74
C LYS A 217 9.17 9.17 -31.79
N ARG A 218 10.10 9.03 -30.84
CA ARG A 218 11.06 7.94 -30.89
C ARG A 218 10.55 6.65 -30.26
N PHE A 219 9.60 6.73 -29.33
CA PHE A 219 9.11 5.56 -28.61
C PHE A 219 7.61 5.45 -28.85
N ARG A 220 7.22 4.55 -29.75
CA ARG A 220 5.81 4.40 -30.10
C ARG A 220 4.95 4.04 -28.90
N GLU A 221 5.53 3.38 -27.89
CA GLU A 221 4.72 3.01 -26.73
C GLU A 221 4.41 4.20 -25.84
N VAL A 222 5.28 5.22 -25.84
CA VAL A 222 4.91 6.47 -25.19
C VAL A 222 3.79 7.15 -25.98
N ASP A 223 3.90 7.15 -27.31
CA ASP A 223 2.85 7.76 -28.14
C ASP A 223 1.52 7.05 -27.97
N ALA A 224 1.55 5.71 -27.86
CA ALA A 224 0.31 4.96 -27.69
C ALA A 224 -0.37 5.33 -26.38
N VAL A 225 0.38 5.35 -25.28
CA VAL A 225 -0.19 5.65 -23.98
C VAL A 225 -0.71 7.08 -23.95
N LEU A 226 0.05 8.02 -24.51
CA LEU A 226 -0.41 9.41 -24.54
C LEU A 226 -1.70 9.55 -25.33
N SER A 227 -1.76 8.89 -26.50
CA SER A 227 -2.94 8.99 -27.34
C SER A 227 -4.18 8.43 -26.64
N TRP A 228 -4.02 7.33 -25.90
CA TRP A 228 -5.16 6.76 -25.19
C TRP A 228 -5.66 7.69 -24.11
N LEU A 229 -4.73 8.31 -23.37
CA LEU A 229 -5.13 9.14 -22.24
C LEU A 229 -5.69 10.48 -22.68
N LEU A 230 -5.20 11.03 -23.79
CA LEU A 230 -5.67 12.34 -24.24
C LEU A 230 -7.13 12.32 -24.66
N GLU A 231 -7.70 11.15 -24.88
CA GLU A 231 -9.13 11.03 -25.14
C GLU A 231 -9.96 11.26 -23.89
N TYR A 232 -9.34 11.33 -22.72
CA TYR A 232 -10.04 11.40 -21.44
C TYR A 232 -9.72 12.63 -20.63
N ALA A 233 -8.50 13.14 -20.71
CA ALA A 233 -8.09 14.27 -19.90
C ALA A 233 -6.78 14.87 -20.39
N PRO A 234 -6.42 16.06 -19.96
CA PRO A 234 -5.11 16.60 -20.29
C PRO A 234 -4.02 15.64 -19.85
N SER A 235 -3.10 15.32 -20.76
CA SER A 235 -2.11 14.29 -20.50
C SER A 235 -0.76 14.74 -21.04
N ARG A 236 0.29 14.46 -20.26
CA ARG A 236 1.62 14.93 -20.61
C ARG A 236 2.66 13.93 -20.12
N LEU A 237 3.83 13.99 -20.75
CA LEU A 237 5.01 13.31 -20.24
C LEU A 237 5.53 14.03 -18.99
N THR A 238 6.06 13.24 -18.06
CA THR A 238 6.79 13.76 -16.93
C THR A 238 8.26 13.36 -17.04
N GLY A 239 9.13 14.16 -16.43
CA GLY A 239 10.55 13.96 -16.60
C GLY A 239 10.90 13.82 -18.07
N THR A 240 11.88 12.97 -18.36
CA THR A 240 12.20 12.60 -19.73
C THR A 240 11.48 11.34 -20.19
N GLY A 241 10.44 10.90 -19.45
CA GLY A 241 9.74 9.69 -19.79
C GLY A 241 10.34 8.46 -19.12
N ALA A 242 9.73 7.32 -19.42
CA ALA A 242 8.63 7.18 -20.38
C ALA A 242 7.28 7.50 -19.74
N CYS A 243 7.31 7.74 -18.43
CA CYS A 243 6.07 7.91 -17.68
C CYS A 243 5.23 9.05 -18.24
N VAL A 244 3.91 8.84 -18.26
CA VAL A 244 2.93 9.81 -18.72
C VAL A 244 1.84 9.93 -17.66
N PHE A 245 1.31 11.13 -17.47
CA PHE A 245 0.22 11.32 -16.52
C PHE A 245 -0.90 12.10 -17.17
N ALA A 246 -2.13 11.82 -16.73
CA ALA A 246 -3.31 12.61 -17.06
C ALA A 246 -3.83 13.28 -15.80
N GLU A 247 -4.34 14.50 -15.95
CA GLU A 247 -4.79 15.33 -14.83
C GLU A 247 -6.30 15.20 -14.66
N PHE A 248 -6.74 15.14 -13.40
CA PHE A 248 -8.16 15.09 -13.07
C PHE A 248 -8.41 15.96 -11.84
N ASP A 249 -9.66 16.41 -11.71
CA ASP A 249 -10.05 17.22 -10.55
C ASP A 249 -10.54 16.38 -9.38
N THR A 250 -10.90 15.11 -9.61
CA THR A 250 -11.44 14.28 -8.55
C THR A 250 -10.90 12.85 -8.66
N GLU A 251 -10.90 12.15 -7.53
CA GLU A 251 -10.45 10.77 -7.50
C GLU A 251 -11.35 9.87 -8.33
N SER A 252 -12.67 10.10 -8.28
CA SER A 252 -13.60 9.21 -8.96
C SER A 252 -13.36 9.22 -10.47
N GLU A 253 -13.26 10.40 -11.07
CA GLU A 253 -12.99 10.45 -12.51
C GLU A 253 -11.70 9.73 -12.84
N ALA A 254 -10.62 10.04 -12.13
CA ALA A 254 -9.34 9.42 -12.44
C ALA A 254 -9.41 7.91 -12.32
N ARG A 255 -10.12 7.41 -11.29
CA ARG A 255 -10.20 5.97 -11.09
C ARG A 255 -11.14 5.32 -12.11
N GLN A 256 -12.14 6.05 -12.59
CA GLN A 256 -13.00 5.50 -13.63
C GLN A 256 -12.22 5.32 -14.93
N VAL A 257 -11.37 6.28 -15.28
CA VAL A 257 -10.55 6.14 -16.48
C VAL A 257 -9.56 5.00 -16.32
N LEU A 258 -9.01 4.83 -15.12
CA LEU A 258 -8.09 3.72 -14.87
C LEU A 258 -8.79 2.38 -15.03
N GLU A 259 -10.01 2.25 -14.48
CA GLU A 259 -10.75 1.00 -14.61
C GLU A 259 -10.97 0.63 -16.07
N GLN A 260 -11.05 1.62 -16.95
CA GLN A 260 -11.21 1.37 -18.38
C GLN A 260 -9.87 1.12 -19.08
N ALA A 261 -8.76 1.50 -18.45
CA ALA A 261 -7.48 1.51 -19.15
C ALA A 261 -7.00 0.09 -19.45
N PRO A 262 -6.56 -0.19 -20.67
CA PRO A 262 -5.97 -1.50 -20.95
C PRO A 262 -4.72 -1.73 -20.10
N GLU A 263 -4.41 -3.01 -19.88
CA GLU A 263 -3.32 -3.37 -18.98
C GLU A 263 -1.99 -2.78 -19.40
N TRP A 264 -1.79 -2.55 -20.71
CA TRP A 264 -0.51 -2.05 -21.16
C TRP A 264 -0.27 -0.60 -20.75
N LEU A 265 -1.26 0.07 -20.16
CA LEU A 265 -1.00 1.38 -19.59
C LEU A 265 -0.17 1.29 -18.32
N ASN A 266 -0.24 0.17 -17.62
CA ASN A 266 0.47 -0.03 -16.35
C ASN A 266 0.21 1.17 -15.43
N GLY A 267 -1.08 1.42 -15.18
CA GLY A 267 -1.51 2.65 -14.56
C GLY A 267 -1.84 2.53 -13.07
N PHE A 268 -1.72 3.67 -12.40
CA PHE A 268 -2.19 3.83 -11.03
C PHE A 268 -2.66 5.26 -10.85
N VAL A 269 -3.44 5.49 -9.80
CA VAL A 269 -4.00 6.80 -9.49
C VAL A 269 -3.45 7.26 -8.15
N ALA A 270 -3.11 8.54 -8.08
CA ALA A 270 -2.57 9.13 -6.86
C ALA A 270 -2.79 10.62 -6.88
N LYS A 271 -2.87 11.21 -5.69
CA LYS A 271 -3.08 12.64 -5.53
C LYS A 271 -1.75 13.37 -5.44
N GLY A 272 -1.69 14.58 -6.00
CA GLY A 272 -0.54 15.43 -5.80
C GLY A 272 -0.46 15.92 -4.38
N VAL A 273 0.76 16.20 -3.91
CA VAL A 273 0.99 16.66 -2.56
C VAL A 273 2.07 17.74 -2.61
N ASN A 274 1.72 18.95 -2.18
CA ASN A 274 2.67 20.05 -2.15
C ASN A 274 3.67 19.92 -1.01
N LEU A 275 3.33 19.17 0.03
CA LEU A 275 4.25 18.82 1.11
C LEU A 275 4.66 17.36 0.94
N SER A 276 5.96 17.12 0.86
CA SER A 276 6.43 15.76 0.63
C SER A 276 5.96 14.84 1.76
N PRO A 277 5.39 13.67 1.44
CA PRO A 277 5.11 12.68 2.50
C PRO A 277 6.30 12.44 3.42
N LEU A 278 7.52 12.58 2.94
CA LEU A 278 8.69 12.41 3.80
C LEU A 278 8.73 13.49 4.88
N HIS A 279 8.71 14.77 4.47
CA HIS A 279 8.74 15.85 5.45
C HIS A 279 7.48 15.90 6.29
N ARG A 280 6.35 15.43 5.74
CA ARG A 280 5.15 15.28 6.54
C ARG A 280 5.36 14.26 7.66
N ALA A 281 5.93 13.11 7.31
CA ALA A 281 6.22 12.09 8.32
C ALA A 281 7.29 12.54 9.31
N MET A 282 8.18 13.46 8.88
CA MET A 282 9.21 13.96 9.76
C MET A 282 8.67 14.87 10.86
N LEU A 283 7.41 15.30 10.76
CA LEU A 283 6.87 16.24 11.72
C LEU A 283 6.12 15.52 12.86
N ARG B 2 -4.76 -10.62 -16.56
CA ARG B 2 -4.58 -10.49 -15.12
C ARG B 2 -5.57 -9.50 -14.53
N THR B 3 -6.28 -9.92 -13.48
CA THR B 3 -7.16 -9.05 -12.71
C THR B 3 -6.74 -9.08 -11.24
N GLN B 4 -6.89 -7.94 -10.57
CA GLN B 4 -6.55 -7.80 -9.17
C GLN B 4 -7.80 -7.61 -8.33
N TRP B 5 -7.87 -8.30 -7.19
CA TRP B 5 -9.06 -8.32 -6.37
C TRP B 5 -8.70 -8.05 -4.92
N PRO B 6 -9.52 -7.28 -4.20
CA PRO B 6 -9.22 -6.96 -2.80
C PRO B 6 -9.68 -8.09 -1.87
N SER B 7 -8.99 -8.15 -0.73
CA SER B 7 -9.27 -9.16 0.29
C SER B 7 -9.14 -8.48 1.65
N PRO B 8 -10.18 -7.81 2.11
CA PRO B 8 -10.06 -6.99 3.32
C PRO B 8 -9.99 -7.85 4.58
N ALA B 9 -9.44 -7.24 5.62
CA ALA B 9 -9.54 -7.80 6.95
C ALA B 9 -10.93 -7.53 7.54
N LYS B 10 -11.22 -8.22 8.64
CA LYS B 10 -12.40 -7.94 9.44
C LYS B 10 -11.98 -7.73 10.89
N LEU B 11 -12.83 -7.02 11.62
CA LEU B 11 -12.78 -6.94 13.07
C LEU B 11 -14.08 -7.50 13.63
N ASN B 12 -14.00 -8.14 14.79
CA ASN B 12 -15.20 -8.46 15.57
C ASN B 12 -15.40 -7.31 16.55
N LEU B 13 -16.32 -6.41 16.24
CA LEU B 13 -16.54 -5.28 17.15
C LEU B 13 -17.05 -5.77 18.51
N PHE B 14 -17.87 -6.82 18.52
CA PHE B 14 -18.15 -7.56 19.74
C PHE B 14 -18.31 -9.03 19.38
N LEU B 15 -18.17 -9.88 20.39
CA LEU B 15 -18.21 -11.34 20.18
C LEU B 15 -18.69 -11.99 21.46
N TYR B 16 -19.88 -12.59 21.41
CA TYR B 16 -20.47 -13.29 22.54
C TYR B 16 -20.71 -14.74 22.17
N ILE B 17 -20.33 -15.65 23.06
CA ILE B 17 -20.51 -17.08 22.86
C ILE B 17 -21.78 -17.50 23.58
N THR B 18 -22.74 -18.04 22.83
CA THR B 18 -24.05 -18.39 23.37
C THR B 18 -24.22 -19.87 23.64
N GLY B 19 -23.28 -20.69 23.20
CA GLY B 19 -23.37 -22.13 23.41
C GLY B 19 -22.37 -22.84 22.53
N GLN B 20 -22.38 -24.17 22.65
CA GLN B 20 -21.52 -25.03 21.84
C GLN B 20 -22.36 -26.14 21.25
N ARG B 21 -22.28 -26.31 19.94
CA ARG B 21 -23.04 -27.37 19.27
C ARG B 21 -22.31 -28.70 19.39
N ALA B 22 -23.03 -29.78 19.05
CA ALA B 22 -22.48 -31.12 19.19
C ALA B 22 -21.31 -31.37 18.26
N ASP B 23 -21.15 -30.58 17.20
CA ASP B 23 -20.05 -30.74 16.26
C ASP B 23 -18.81 -29.96 16.67
N GLY B 24 -18.77 -29.41 17.88
CA GLY B 24 -17.64 -28.68 18.36
C GLY B 24 -17.67 -27.19 18.10
N TYR B 25 -18.48 -26.74 17.15
CA TYR B 25 -18.55 -25.32 16.84
C TYR B 25 -19.40 -24.59 17.89
N HIS B 26 -19.14 -23.29 18.01
CA HIS B 26 -19.79 -22.46 19.00
C HIS B 26 -20.75 -21.50 18.33
N THR B 27 -21.98 -21.43 18.86
CA THR B 27 -22.92 -20.41 18.45
C THR B 27 -22.53 -19.08 19.08
N LEU B 28 -22.67 -18.00 18.32
CA LEU B 28 -22.18 -16.71 18.78
C LEU B 28 -23.16 -15.62 18.39
N GLN B 29 -22.90 -14.44 18.93
CA GLN B 29 -23.52 -13.19 18.52
C GLN B 29 -22.39 -12.19 18.37
N THR B 30 -22.19 -11.71 17.14
CA THR B 30 -20.98 -10.94 16.87
C THR B 30 -21.29 -9.89 15.82
N LEU B 31 -20.46 -8.85 15.79
CA LEU B 31 -20.59 -7.76 14.84
C LEU B 31 -19.33 -7.71 14.00
N PHE B 32 -19.48 -7.98 12.70
CA PHE B 32 -18.38 -7.90 11.76
C PHE B 32 -18.31 -6.51 11.15
N GLN B 33 -17.09 -5.99 11.03
CA GLN B 33 -16.84 -4.79 10.25
C GLN B 33 -15.53 -4.97 9.51
N PHE B 34 -15.53 -4.67 8.22
CA PHE B 34 -14.30 -4.79 7.47
C PHE B 34 -13.37 -3.63 7.77
N LEU B 35 -12.13 -3.77 7.32
CA LEU B 35 -11.15 -2.70 7.34
C LEU B 35 -10.79 -2.36 5.91
N ASP B 36 -10.54 -1.09 5.63
CA ASP B 36 -10.02 -0.70 4.32
C ASP B 36 -8.51 -0.94 4.29
N TYR B 37 -8.17 -2.21 4.49
CA TYR B 37 -6.80 -2.69 4.62
C TYR B 37 -6.84 -4.19 4.42
N GLY B 38 -6.00 -4.73 3.54
CA GLY B 38 -6.05 -6.17 3.32
C GLY B 38 -5.04 -6.63 2.30
N ASP B 39 -5.27 -7.85 1.81
CA ASP B 39 -4.46 -8.49 0.80
C ASP B 39 -4.94 -8.10 -0.60
N THR B 40 -4.11 -8.40 -1.59
CA THR B 40 -4.47 -8.20 -3.00
C THR B 40 -4.22 -9.50 -3.74
N ILE B 41 -5.27 -10.05 -4.35
CA ILE B 41 -5.19 -11.32 -5.06
C ILE B 41 -5.25 -11.04 -6.56
N SER B 42 -4.22 -11.49 -7.28
CA SER B 42 -4.14 -11.35 -8.72
C SER B 42 -4.50 -12.68 -9.37
N ILE B 43 -5.36 -12.65 -10.38
CA ILE B 43 -5.82 -13.85 -11.06
C ILE B 43 -5.53 -13.72 -12.55
N GLU B 44 -5.00 -14.78 -13.13
CA GLU B 44 -4.81 -14.91 -14.56
C GLU B 44 -5.41 -16.23 -15.01
N LEU B 45 -6.31 -16.18 -15.98
CA LEU B 45 -7.03 -17.37 -16.38
C LEU B 45 -6.14 -18.32 -17.16
N ARG B 46 -6.38 -19.62 -16.96
CA ARG B 46 -5.75 -20.69 -17.72
C ARG B 46 -6.82 -21.36 -18.59
N ASP B 47 -6.37 -22.09 -19.61
CA ASP B 47 -7.30 -22.84 -20.44
C ASP B 47 -6.99 -24.33 -20.41
N ASP B 48 -6.36 -24.81 -19.33
CA ASP B 48 -6.05 -26.23 -19.17
C ASP B 48 -6.69 -26.82 -17.92
N GLY B 49 -7.57 -26.09 -17.25
CA GLY B 49 -8.26 -26.61 -16.08
C GLY B 49 -7.40 -26.78 -14.85
N ASP B 50 -6.17 -26.26 -14.86
CA ASP B 50 -5.30 -26.34 -13.71
C ASP B 50 -5.52 -25.16 -12.77
N ILE B 51 -5.29 -25.39 -11.48
CA ILE B 51 -5.32 -24.35 -10.47
C ILE B 51 -3.95 -24.27 -9.82
N ARG B 52 -3.29 -23.12 -9.99
CA ARG B 52 -1.94 -22.92 -9.47
C ARG B 52 -1.93 -21.71 -8.55
N LEU B 53 -1.37 -21.89 -7.35
CA LEU B 53 -1.05 -20.80 -6.46
C LEU B 53 0.44 -20.52 -6.60
N LEU B 54 0.78 -19.41 -7.25
CA LEU B 54 2.16 -19.10 -7.58
C LEU B 54 2.89 -18.36 -6.47
N THR B 55 2.18 -17.83 -5.49
CA THR B 55 2.80 -17.06 -4.39
CA THR B 55 2.79 -17.07 -4.40
C THR B 55 2.41 -17.71 -3.07
N PRO B 56 3.26 -18.56 -2.51
CA PRO B 56 2.92 -19.21 -1.23
C PRO B 56 2.62 -18.18 -0.15
N VAL B 57 1.96 -18.64 0.90
CA VAL B 57 1.66 -17.84 2.08
C VAL B 57 2.49 -18.38 3.23
N GLU B 58 3.40 -17.57 3.73
CA GLU B 58 4.27 -17.98 4.83
C GLU B 58 3.44 -18.51 6.00
N GLY B 59 3.73 -19.75 6.41
CA GLY B 59 3.00 -20.40 7.47
C GLY B 59 1.81 -21.23 7.03
N VAL B 60 1.51 -21.25 5.72
CA VAL B 60 0.35 -21.97 5.21
C VAL B 60 0.84 -23.01 4.20
N GLU B 61 0.53 -24.26 4.45
CA GLU B 61 0.83 -25.31 3.48
C GLU B 61 -0.11 -25.20 2.29
N HIS B 62 0.40 -25.59 1.12
CA HIS B 62 -0.36 -25.48 -0.12
C HIS B 62 -1.72 -26.14 0.02
N GLU B 63 -1.74 -27.43 0.39
CA GLU B 63 -2.99 -28.18 0.46
C GLU B 63 -3.94 -27.62 1.51
N ASP B 64 -3.43 -26.85 2.47
CA ASP B 64 -4.27 -26.23 3.50
C ASP B 64 -4.65 -24.80 3.18
N ASN B 65 -4.06 -24.20 2.14
CA ASN B 65 -4.35 -22.82 1.80
C ASN B 65 -5.78 -22.66 1.34
N LEU B 66 -6.51 -21.72 1.95
CA LEU B 66 -7.90 -21.48 1.58
C LEU B 66 -8.04 -20.98 0.15
N ILE B 67 -6.98 -20.40 -0.41
CA ILE B 67 -7.02 -19.98 -1.80
C ILE B 67 -7.19 -21.20 -2.72
N VAL B 68 -6.39 -22.23 -2.50
CA VAL B 68 -6.48 -23.41 -3.35
C VAL B 68 -7.71 -24.25 -3.01
N ARG B 69 -8.13 -24.26 -1.74
CA ARG B 69 -9.33 -25.01 -1.38
C ARG B 69 -10.58 -24.38 -1.97
N ALA B 70 -10.71 -23.06 -1.86
CA ALA B 70 -11.88 -22.38 -2.42
C ALA B 70 -11.98 -22.60 -3.93
N ALA B 71 -10.86 -22.43 -4.64
CA ALA B 71 -10.89 -22.57 -6.09
C ALA B 71 -11.26 -23.99 -6.50
N ARG B 72 -10.71 -24.99 -5.81
CA ARG B 72 -11.09 -26.37 -6.10
C ARG B 72 -12.55 -26.61 -5.80
N LEU B 73 -13.07 -26.05 -4.69
CA LEU B 73 -14.47 -26.22 -4.36
C LEU B 73 -15.36 -25.62 -5.45
N LEU B 74 -15.03 -24.41 -5.89
CA LEU B 74 -15.83 -23.76 -6.92
C LEU B 74 -15.77 -24.56 -8.22
N MET B 75 -14.58 -25.01 -8.60
CA MET B 75 -14.44 -25.81 -9.81
C MET B 75 -15.31 -27.06 -9.74
N LYS B 76 -15.21 -27.83 -8.66
CA LYS B 76 -15.98 -29.06 -8.58
C LYS B 76 -17.47 -28.78 -8.55
N THR B 77 -17.89 -27.77 -7.78
CA THR B 77 -19.31 -27.47 -7.65
C THR B 77 -19.91 -27.05 -8.99
N ALA B 78 -19.23 -26.14 -9.70
CA ALA B 78 -19.76 -25.66 -10.97
C ALA B 78 -19.75 -26.77 -12.03
N ALA B 79 -18.66 -27.53 -12.11
CA ALA B 79 -18.58 -28.60 -13.10
C ALA B 79 -19.73 -29.59 -12.96
N ASP B 80 -20.07 -29.96 -11.72
CA ASP B 80 -21.12 -30.95 -11.48
C ASP B 80 -22.52 -30.40 -11.74
N SER B 81 -22.64 -29.14 -12.16
CA SER B 81 -23.92 -28.53 -12.51
C SER B 81 -23.87 -27.94 -13.92
N GLY B 82 -22.88 -28.32 -14.72
CA GLY B 82 -22.77 -27.77 -16.06
C GLY B 82 -22.38 -26.31 -16.11
N ARG B 83 -21.90 -25.76 -15.01
CA ARG B 83 -21.57 -24.34 -14.92
C ARG B 83 -20.12 -24.02 -15.24
N LEU B 84 -19.29 -25.03 -15.53
CA LEU B 84 -17.86 -24.80 -15.70
C LEU B 84 -17.46 -24.93 -17.16
N PRO B 85 -17.14 -23.84 -17.85
CA PRO B 85 -16.65 -23.96 -19.22
C PRO B 85 -15.39 -24.82 -19.27
N THR B 86 -15.26 -25.60 -20.35
CA THR B 86 -14.18 -26.57 -20.44
C THR B 86 -12.83 -25.87 -20.32
N GLY B 87 -11.91 -26.53 -19.61
CA GLY B 87 -10.56 -26.01 -19.45
C GLY B 87 -10.46 -24.78 -18.58
N SER B 88 -11.52 -24.41 -17.88
CA SER B 88 -11.46 -23.26 -16.98
C SER B 88 -10.40 -23.51 -15.92
N GLY B 89 -9.37 -22.66 -15.90
CA GLY B 89 -8.31 -22.74 -14.93
C GLY B 89 -7.91 -21.35 -14.46
N ALA B 90 -6.92 -21.31 -13.57
CA ALA B 90 -6.48 -20.03 -13.04
C ALA B 90 -5.09 -20.16 -12.41
N ASN B 91 -4.27 -19.13 -12.62
CA ASN B 91 -3.07 -18.90 -11.84
C ASN B 91 -3.39 -17.80 -10.83
N ILE B 92 -3.20 -18.07 -9.54
CA ILE B 92 -3.54 -17.11 -8.51
C ILE B 92 -2.27 -16.71 -7.78
N SER B 93 -2.11 -15.39 -7.57
CA SER B 93 -1.04 -14.83 -6.78
C SER B 93 -1.66 -13.87 -5.77
N ILE B 94 -0.94 -13.63 -4.68
CA ILE B 94 -1.45 -12.77 -3.61
C ILE B 94 -0.30 -11.96 -3.02
N ASP B 95 -0.52 -10.65 -2.89
CA ASP B 95 0.31 -9.79 -2.04
C ASP B 95 -0.32 -9.84 -0.66
N LYS B 96 0.29 -10.58 0.25
CA LYS B 96 -0.24 -10.76 1.60
C LYS B 96 0.26 -9.63 2.48
N ARG B 97 -0.68 -8.85 3.04
CA ARG B 97 -0.37 -7.82 3.99
C ARG B 97 -0.93 -8.10 5.38
N LEU B 98 -1.90 -9.00 5.49
CA LEU B 98 -2.53 -9.35 6.75
C LEU B 98 -1.76 -10.50 7.41
N PRO B 99 -1.47 -10.43 8.71
CA PRO B 99 -0.76 -11.53 9.35
C PRO B 99 -1.59 -12.80 9.27
N VAL B 100 -0.93 -13.93 9.46
CA VAL B 100 -1.59 -15.23 9.46
C VAL B 100 -2.02 -15.57 10.88
N GLY B 101 -3.30 -15.88 11.05
CA GLY B 101 -3.79 -16.36 12.33
C GLY B 101 -3.99 -15.32 13.41
N GLY B 102 -4.23 -14.06 13.05
CA GLY B 102 -4.39 -12.99 14.00
C GLY B 102 -5.80 -12.67 14.45
N GLY B 103 -6.80 -13.38 13.95
CA GLY B 103 -8.17 -12.98 14.22
C GLY B 103 -8.68 -11.88 13.32
N LEU B 104 -7.91 -11.49 12.31
CA LEU B 104 -8.34 -10.54 11.29
C LEU B 104 -9.09 -11.22 10.15
N GLY B 105 -9.20 -12.55 10.18
CA GLY B 105 -9.93 -13.28 9.16
C GLY B 105 -9.30 -13.24 7.78
N GLY B 106 -7.97 -13.14 7.71
CA GLY B 106 -7.32 -12.96 6.42
C GLY B 106 -7.48 -14.15 5.49
N GLY B 107 -7.34 -15.37 6.02
CA GLY B 107 -7.52 -16.55 5.19
C GLY B 107 -8.98 -16.74 4.77
N SER B 108 -9.91 -16.49 5.69
CA SER B 108 -11.32 -16.49 5.31
C SER B 108 -11.58 -15.47 4.20
N SER B 109 -11.03 -14.26 4.36
CA SER B 109 -11.22 -13.23 3.34
C SER B 109 -10.63 -13.68 2.01
N ASN B 110 -9.44 -14.30 2.03
CA ASN B 110 -8.85 -14.81 0.80
C ASN B 110 -9.78 -15.78 0.08
N ALA B 111 -10.35 -16.73 0.83
CA ALA B 111 -11.25 -17.70 0.21
C ALA B 111 -12.46 -17.00 -0.40
N ALA B 112 -13.01 -16.01 0.29
CA ALA B 112 -14.17 -15.29 -0.24
C ALA B 112 -13.82 -14.58 -1.54
N THR B 113 -12.68 -13.88 -1.56
CA THR B 113 -12.29 -13.14 -2.75
C THR B 113 -12.12 -14.07 -3.94
N VAL B 114 -11.54 -15.26 -3.72
CA VAL B 114 -11.33 -16.21 -4.81
C VAL B 114 -12.66 -16.79 -5.28
N LEU B 115 -13.55 -17.12 -4.34
CA LEU B 115 -14.88 -17.59 -4.73
C LEU B 115 -15.61 -16.55 -5.57
N VAL B 116 -15.59 -15.29 -5.14
CA VAL B 116 -16.28 -14.23 -5.87
C VAL B 116 -15.58 -13.96 -7.19
N ALA B 117 -14.25 -13.80 -7.16
CA ALA B 117 -13.52 -13.44 -8.36
C ALA B 117 -13.61 -14.53 -9.42
N LEU B 118 -13.50 -15.80 -9.02
CA LEU B 118 -13.51 -16.89 -9.98
C LEU B 118 -14.92 -17.22 -10.47
N ASN B 119 -15.93 -17.05 -9.61
CA ASN B 119 -17.30 -17.16 -10.07
C ASN B 119 -17.57 -16.22 -11.22
N HIS B 120 -17.08 -14.97 -11.11
CA HIS B 120 -17.24 -13.99 -12.19
C HIS B 120 -16.32 -14.32 -13.36
N LEU B 121 -15.02 -14.47 -13.09
CA LEU B 121 -14.06 -14.68 -14.17
C LEU B 121 -14.41 -15.91 -14.98
N TRP B 122 -14.78 -17.00 -14.32
CA TRP B 122 -15.19 -18.22 -15.01
C TRP B 122 -16.63 -18.15 -15.52
N GLN B 123 -17.39 -17.13 -15.13
CA GLN B 123 -18.78 -17.00 -15.53
C GLN B 123 -19.58 -18.26 -15.15
N CYS B 124 -19.42 -18.67 -13.89
CA CYS B 124 -20.21 -19.76 -13.34
C CYS B 124 -21.62 -19.34 -12.98
N GLY B 125 -21.84 -18.04 -12.75
CA GLY B 125 -23.17 -17.53 -12.49
C GLY B 125 -23.77 -17.89 -11.16
N LEU B 126 -22.99 -18.42 -10.22
CA LEU B 126 -23.55 -18.79 -8.93
C LEU B 126 -23.97 -17.54 -8.14
N SER B 127 -25.01 -17.70 -7.33
CA SER B 127 -25.57 -16.58 -6.59
C SER B 127 -24.75 -16.31 -5.33
N MET B 128 -24.98 -15.13 -4.75
CA MET B 128 -24.38 -14.81 -3.46
C MET B 128 -24.64 -15.92 -2.46
N ASP B 129 -25.91 -16.34 -2.33
CA ASP B 129 -26.24 -17.37 -1.35
C ASP B 129 -25.58 -18.69 -1.70
N GLU B 130 -25.43 -19.01 -2.98
CA GLU B 130 -24.71 -20.20 -3.35
C GLU B 130 -23.25 -20.10 -2.93
N LEU B 131 -22.60 -18.97 -3.26
CA LEU B 131 -21.21 -18.79 -2.88
C LEU B 131 -21.05 -18.75 -1.36
N ALA B 132 -21.98 -18.11 -0.66
CA ALA B 132 -21.86 -18.03 0.80
C ALA B 132 -22.04 -19.41 1.43
N GLU B 133 -22.94 -20.23 0.88
CA GLU B 133 -23.12 -21.57 1.41
C GLU B 133 -21.90 -22.44 1.15
N MET B 134 -21.28 -22.29 -0.02
CA MET B 134 -19.99 -22.92 -0.26
C MET B 134 -18.96 -22.45 0.74
N GLY B 135 -18.90 -21.13 0.97
CA GLY B 135 -17.91 -20.59 1.89
C GLY B 135 -18.00 -21.21 3.27
N LEU B 136 -19.22 -21.45 3.76
CA LEU B 136 -19.39 -21.99 5.11
C LEU B 136 -18.63 -23.29 5.28
N THR B 137 -18.57 -24.11 4.23
CA THR B 137 -17.84 -25.37 4.31
C THR B 137 -16.35 -25.14 4.50
N LEU B 138 -15.84 -24.00 4.05
CA LEU B 138 -14.42 -23.70 4.15
C LEU B 138 -14.06 -22.98 5.45
N GLY B 139 -15.00 -22.27 6.05
CA GLY B 139 -14.73 -21.51 7.25
C GLY B 139 -15.92 -20.70 7.71
N ALA B 140 -16.08 -20.56 9.03
CA ALA B 140 -17.22 -19.84 9.57
C ALA B 140 -17.19 -18.36 9.20
N ASP B 141 -16.02 -17.82 8.86
CA ASP B 141 -15.87 -16.40 8.57
C ASP B 141 -16.01 -16.08 7.09
N VAL B 142 -15.92 -17.08 6.21
CA VAL B 142 -16.03 -16.81 4.78
C VAL B 142 -17.35 -16.16 4.39
N PRO B 143 -18.50 -16.63 4.89
CA PRO B 143 -19.77 -16.08 4.39
C PRO B 143 -19.93 -14.58 4.57
N VAL B 144 -19.49 -13.99 5.69
CA VAL B 144 -19.59 -12.54 5.82
C VAL B 144 -18.78 -11.85 4.72
N PHE B 145 -17.58 -12.35 4.45
CA PHE B 145 -16.76 -11.75 3.39
C PHE B 145 -17.42 -11.90 2.03
N VAL B 146 -18.02 -13.07 1.76
CA VAL B 146 -18.69 -13.27 0.48
C VAL B 146 -19.87 -12.33 0.33
N ARG B 147 -20.62 -12.12 1.41
CA ARG B 147 -21.81 -11.28 1.32
C ARG B 147 -21.48 -9.79 1.30
N GLY B 148 -20.32 -9.38 1.81
CA GLY B 148 -19.74 -8.09 1.50
C GLY B 148 -20.18 -6.91 2.33
N HIS B 149 -20.98 -7.11 3.37
CA HIS B 149 -21.44 -6.00 4.20
C HIS B 149 -21.15 -6.28 5.67
N ALA B 150 -20.84 -5.22 6.41
CA ALA B 150 -20.81 -5.30 7.86
C ALA B 150 -22.14 -5.87 8.34
N ALA B 151 -22.08 -6.76 9.33
CA ALA B 151 -23.28 -7.51 9.66
C ALA B 151 -23.21 -8.00 11.10
N PHE B 152 -24.37 -7.98 11.76
CA PHE B 152 -24.60 -8.75 12.97
C PHE B 152 -24.78 -10.21 12.57
N ALA B 153 -24.10 -11.12 13.26
CA ALA B 153 -24.07 -12.51 12.85
C ALA B 153 -24.44 -13.43 14.02
N GLU B 154 -25.22 -14.45 13.70
CA GLU B 154 -25.62 -15.51 14.62
C GLU B 154 -25.20 -16.85 14.04
N GLY B 155 -25.70 -17.92 14.63
CA GLY B 155 -25.25 -19.25 14.23
C GLY B 155 -23.79 -19.38 14.62
N VAL B 156 -22.96 -19.85 13.68
CA VAL B 156 -21.51 -19.87 13.88
C VAL B 156 -20.85 -18.67 13.23
N GLY B 157 -21.63 -17.74 12.68
CA GLY B 157 -21.11 -16.56 12.02
C GLY B 157 -21.77 -16.33 10.68
N GLU B 158 -22.68 -17.23 10.30
CA GLU B 158 -23.21 -17.27 8.94
C GLU B 158 -24.63 -16.74 8.82
N ILE B 159 -25.36 -16.55 9.92
CA ILE B 159 -26.70 -15.98 9.89
C ILE B 159 -26.53 -14.46 10.00
N LEU B 160 -26.52 -13.78 8.86
CA LEU B 160 -26.02 -12.42 8.76
C LEU B 160 -27.15 -11.43 8.55
N THR B 161 -27.19 -10.41 9.41
CA THR B 161 -28.10 -9.27 9.27
C THR B 161 -27.27 -8.03 9.03
N PRO B 162 -27.29 -7.45 7.83
CA PRO B 162 -26.46 -6.28 7.56
C PRO B 162 -26.84 -5.10 8.45
N VAL B 163 -25.83 -4.48 9.05
CA VAL B 163 -25.96 -3.25 9.80
C VAL B 163 -24.83 -2.30 9.39
N ASP B 164 -24.87 -1.08 9.91
CA ASP B 164 -23.95 -0.02 9.48
C ASP B 164 -23.31 0.64 10.69
N PRO B 165 -22.36 -0.02 11.33
CA PRO B 165 -21.69 0.56 12.49
C PRO B 165 -20.86 1.77 12.10
N PRO B 166 -20.51 2.63 13.06
CA PRO B 166 -19.60 3.73 12.78
C PRO B 166 -18.29 3.24 12.17
N GLU B 167 -17.84 3.95 11.14
CA GLU B 167 -16.60 3.61 10.45
C GLU B 167 -15.46 4.38 11.09
N LYS B 168 -15.03 3.89 12.26
CA LYS B 168 -14.03 4.57 13.05
C LYS B 168 -12.63 4.19 12.57
N TRP B 169 -11.62 4.82 13.15
CA TRP B 169 -10.23 4.51 12.83
C TRP B 169 -9.65 3.58 13.87
N TYR B 170 -8.85 2.62 13.42
CA TYR B 170 -8.41 1.54 14.29
C TYR B 170 -6.89 1.43 14.24
N LEU B 171 -6.29 1.30 15.43
CA LEU B 171 -4.92 0.85 15.57
C LEU B 171 -4.99 -0.64 15.84
N VAL B 172 -4.57 -1.44 14.87
CA VAL B 172 -4.63 -2.89 14.97
C VAL B 172 -3.23 -3.40 15.30
N ALA B 173 -3.11 -4.11 16.41
CA ALA B 173 -1.83 -4.61 16.88
C ALA B 173 -1.80 -6.13 16.82
N HIS B 174 -0.64 -6.69 16.50
CA HIS B 174 -0.43 -8.13 16.51
C HIS B 174 0.61 -8.48 17.56
N PRO B 175 0.20 -9.04 18.71
CA PRO B 175 1.16 -9.28 19.80
C PRO B 175 2.42 -10.05 19.43
N GLY B 176 2.34 -11.04 18.55
CA GLY B 176 3.52 -11.78 18.13
C GLY B 176 3.54 -13.23 18.54
N VAL B 177 2.61 -13.66 19.38
CA VAL B 177 2.44 -15.07 19.69
C VAL B 177 1.41 -15.66 18.73
N SER B 178 1.49 -16.97 18.52
CA SER B 178 0.53 -17.67 17.67
C SER B 178 -0.54 -18.30 18.56
N ILE B 179 -1.79 -17.95 18.28
CA ILE B 179 -2.95 -18.51 18.98
C ILE B 179 -3.81 -19.24 17.97
N PRO B 180 -3.66 -20.55 17.84
CA PRO B 180 -4.55 -21.30 16.96
C PRO B 180 -6.00 -21.15 17.43
N THR B 181 -6.88 -20.85 16.48
CA THR B 181 -8.29 -20.61 16.81
C THR B 181 -8.89 -21.67 17.71
N PRO B 182 -8.72 -22.97 17.44
CA PRO B 182 -9.32 -23.98 18.32
C PRO B 182 -8.71 -24.03 19.73
N VAL B 183 -7.48 -23.55 19.92
CA VAL B 183 -6.90 -23.55 21.26
C VAL B 183 -7.73 -22.69 22.20
N ILE B 184 -8.29 -21.60 21.68
CA ILE B 184 -9.16 -20.76 22.51
C ILE B 184 -10.54 -21.38 22.66
N PHE B 185 -11.13 -21.82 21.53
CA PHE B 185 -12.48 -22.37 21.58
C PHE B 185 -12.57 -23.67 22.38
N LYS B 186 -11.44 -24.37 22.57
CA LYS B 186 -11.45 -25.58 23.37
C LYS B 186 -10.98 -25.35 24.81
N ASP B 187 -10.76 -24.09 25.20
CA ASP B 187 -10.41 -23.82 26.58
C ASP B 187 -11.59 -24.13 27.49
N PRO B 188 -11.37 -24.81 28.61
CA PRO B 188 -12.49 -25.15 29.50
C PRO B 188 -13.04 -23.95 30.26
N GLU B 189 -12.29 -22.87 30.39
CA GLU B 189 -12.75 -21.68 31.10
C GLU B 189 -13.40 -20.66 30.19
N LEU B 190 -13.56 -20.97 28.91
CA LEU B 190 -14.12 -20.01 27.97
C LEU B 190 -15.60 -19.76 28.28
N PRO B 191 -16.04 -18.51 28.24
CA PRO B 191 -17.48 -18.25 28.37
C PRO B 191 -18.24 -18.93 27.24
N ARG B 192 -19.27 -19.70 27.60
CA ARG B 192 -20.06 -20.37 26.58
C ARG B 192 -21.55 -20.32 26.92
N ASN B 193 -21.96 -19.43 27.84
CA ASN B 193 -23.34 -19.29 28.26
C ASN B 193 -23.81 -17.84 28.25
N THR B 194 -23.17 -16.99 27.47
CA THR B 194 -23.61 -15.59 27.40
C THR B 194 -25.05 -15.54 26.90
N PRO B 195 -25.96 -14.91 27.63
CA PRO B 195 -27.36 -14.86 27.20
C PRO B 195 -27.49 -14.31 25.78
N LYS B 196 -28.34 -14.97 24.99
CA LYS B 196 -28.69 -14.45 23.68
C LYS B 196 -29.55 -13.20 23.84
N ARG B 197 -29.23 -12.16 23.07
CA ARG B 197 -29.91 -10.88 23.20
C ARG B 197 -30.22 -10.32 21.83
N SER B 198 -31.08 -9.31 21.81
CA SER B 198 -31.52 -8.70 20.56
C SER B 198 -30.45 -7.78 19.99
N ILE B 199 -30.48 -7.61 18.68
CA ILE B 199 -29.53 -6.72 18.01
C ILE B 199 -29.52 -5.36 18.68
N GLU B 200 -30.71 -4.82 18.96
CA GLU B 200 -30.80 -3.49 19.55
C GLU B 200 -30.12 -3.45 20.91
N THR B 201 -30.34 -4.48 21.73
CA THR B 201 -29.73 -4.52 23.05
C THR B 201 -28.20 -4.62 22.96
N LEU B 202 -27.70 -5.37 21.98
CA LEU B 202 -26.26 -5.52 21.82
C LEU B 202 -25.62 -4.27 21.26
N LEU B 203 -26.34 -3.53 20.41
CA LEU B 203 -25.78 -2.33 19.80
C LEU B 203 -25.69 -1.16 20.77
N LYS B 204 -26.43 -1.21 21.88
CA LYS B 204 -26.37 -0.16 22.88
C LYS B 204 -25.47 -0.49 24.06
N CYS B 205 -25.34 -1.77 24.40
CA CYS B 205 -24.47 -2.15 25.49
C CYS B 205 -23.00 -2.00 25.09
N GLU B 206 -22.12 -2.12 26.08
CA GLU B 206 -20.69 -2.02 25.84
C GLU B 206 -20.20 -3.21 25.03
N PHE B 207 -19.39 -2.94 24.00
CA PHE B 207 -18.85 -3.97 23.13
C PHE B 207 -17.70 -4.69 23.83
N SER B 208 -17.77 -6.01 23.90
CA SER B 208 -16.67 -6.80 24.45
C SER B 208 -16.53 -8.08 23.64
N ASN B 209 -15.48 -8.86 23.96
CA ASN B 209 -15.16 -10.11 23.28
C ASN B 209 -14.99 -11.20 24.33
N ASP B 210 -15.87 -12.20 24.31
CA ASP B 210 -15.80 -13.25 25.33
C ASP B 210 -14.50 -14.03 25.30
N CYS B 211 -13.80 -14.06 24.15
CA CYS B 211 -12.53 -14.77 24.10
C CYS B 211 -11.41 -14.01 24.79
N GLU B 212 -11.56 -12.70 24.98
CA GLU B 212 -10.45 -11.89 25.47
C GLU B 212 -9.96 -12.36 26.84
N VAL B 213 -10.89 -12.72 27.73
CA VAL B 213 -10.49 -13.13 29.08
C VAL B 213 -9.47 -14.25 28.99
N ILE B 214 -9.74 -15.25 28.14
CA ILE B 214 -8.85 -16.39 28.00
C ILE B 214 -7.54 -15.96 27.36
N ALA B 215 -7.62 -15.19 26.26
CA ALA B 215 -6.42 -14.85 25.50
C ALA B 215 -5.42 -14.08 26.34
N ARG B 216 -5.89 -13.09 27.11
CA ARG B 216 -4.97 -12.37 28.00
C ARG B 216 -4.35 -13.30 29.03
N LYS B 217 -5.15 -14.19 29.61
CA LYS B 217 -4.66 -15.04 30.69
C LYS B 217 -3.64 -16.04 30.18
N ARG B 218 -3.91 -16.68 29.04
CA ARG B 218 -3.05 -17.77 28.58
C ARG B 218 -1.83 -17.29 27.79
N PHE B 219 -1.85 -16.06 27.27
CA PHE B 219 -0.74 -15.55 26.48
C PHE B 219 -0.33 -14.18 27.00
N ARG B 220 0.83 -14.12 27.65
CA ARG B 220 1.30 -12.86 28.24
C ARG B 220 1.49 -11.79 27.17
N GLU B 221 1.81 -12.20 25.93
CA GLU B 221 2.04 -11.22 24.86
C GLU B 221 0.76 -10.48 24.51
N VAL B 222 -0.40 -11.12 24.64
CA VAL B 222 -1.66 -10.41 24.43
C VAL B 222 -1.92 -9.44 25.58
N ASP B 223 -1.65 -9.88 26.81
CA ASP B 223 -1.77 -8.99 27.96
C ASP B 223 -0.88 -7.77 27.79
N ALA B 224 0.37 -7.97 27.37
CA ALA B 224 1.29 -6.86 27.18
C ALA B 224 0.74 -5.84 26.20
N VAL B 225 0.23 -6.31 25.06
CA VAL B 225 -0.25 -5.38 24.04
C VAL B 225 -1.54 -4.70 24.48
N LEU B 226 -2.44 -5.44 25.12
CA LEU B 226 -3.68 -4.84 25.60
C LEU B 226 -3.41 -3.85 26.73
N SER B 227 -2.48 -4.19 27.62
CA SER B 227 -2.13 -3.26 28.71
C SER B 227 -1.66 -1.93 28.15
N TRP B 228 -0.81 -1.98 27.12
CA TRP B 228 -0.26 -0.74 26.55
C TRP B 228 -1.36 0.10 25.90
N LEU B 229 -2.16 -0.53 25.03
CA LEU B 229 -3.13 0.23 24.25
C LEU B 229 -4.24 0.81 25.12
N LEU B 230 -4.59 0.12 26.21
CA LEU B 230 -5.68 0.61 27.06
C LEU B 230 -5.36 1.93 27.75
N GLU B 231 -4.09 2.35 27.73
CA GLU B 231 -3.72 3.65 28.27
C GLU B 231 -4.14 4.79 27.34
N TYR B 232 -4.43 4.50 26.07
CA TYR B 232 -4.71 5.52 25.09
C TYR B 232 -6.12 5.49 24.54
N ALA B 233 -6.74 4.32 24.42
CA ALA B 233 -8.04 4.20 23.77
C ALA B 233 -8.70 2.92 24.23
N PRO B 234 -10.02 2.82 24.08
CA PRO B 234 -10.68 1.52 24.30
C PRO B 234 -10.09 0.47 23.37
N SER B 235 -9.82 -0.71 23.92
CA SER B 235 -9.09 -1.73 23.18
C SER B 235 -9.60 -3.10 23.54
N ARG B 236 -9.66 -4.00 22.54
CA ARG B 236 -10.12 -5.35 22.78
C ARG B 236 -9.51 -6.30 21.76
N LEU B 237 -9.68 -7.59 22.05
CA LEU B 237 -9.32 -8.65 21.13
C LEU B 237 -10.30 -8.69 19.96
N THR B 238 -9.80 -9.06 18.79
CA THR B 238 -10.65 -9.44 17.69
C THR B 238 -10.52 -10.93 17.43
N GLY B 239 -11.61 -11.55 16.98
CA GLY B 239 -11.60 -12.99 16.77
C GLY B 239 -11.22 -13.72 18.04
N THR B 240 -10.38 -14.75 17.89
CA THR B 240 -9.77 -15.42 19.02
C THR B 240 -8.37 -14.91 19.30
N GLY B 241 -7.97 -13.79 18.69
CA GLY B 241 -6.64 -13.26 18.86
C GLY B 241 -5.66 -13.83 17.86
N ALA B 242 -4.40 -13.43 18.02
CA ALA B 242 -3.94 -12.57 19.12
C ALA B 242 -4.10 -11.08 18.83
N CYS B 243 -4.58 -10.73 17.65
CA CYS B 243 -4.68 -9.32 17.28
C CYS B 243 -5.56 -8.56 18.25
N VAL B 244 -5.14 -7.33 18.55
CA VAL B 244 -5.87 -6.41 19.42
C VAL B 244 -6.06 -5.12 18.64
N PHE B 245 -7.21 -4.47 18.81
CA PHE B 245 -7.45 -3.21 18.15
C PHE B 245 -7.89 -2.16 19.16
N ALA B 246 -7.54 -0.92 18.87
CA ALA B 246 -7.96 0.24 19.65
C ALA B 246 -8.81 1.14 18.77
N GLU B 247 -9.82 1.75 19.37
CA GLU B 247 -10.80 2.56 18.64
C GLU B 247 -10.49 4.04 18.78
N PHE B 248 -10.45 4.73 17.64
CA PHE B 248 -10.28 6.18 17.60
C PHE B 248 -11.30 6.76 16.63
N ASP B 249 -11.64 8.03 16.84
CA ASP B 249 -12.62 8.70 15.99
C ASP B 249 -12.00 9.42 14.81
N THR B 250 -10.69 9.64 14.81
CA THR B 250 -10.02 10.33 13.72
C THR B 250 -8.72 9.60 13.38
N GLU B 251 -8.32 9.74 12.12
CA GLU B 251 -7.10 9.09 11.65
C GLU B 251 -5.87 9.65 12.35
N SER B 252 -5.86 10.96 12.62
CA SER B 252 -4.68 11.58 13.21
C SER B 252 -4.43 11.04 14.62
N GLU B 253 -5.50 10.82 15.39
CA GLU B 253 -5.32 10.30 16.75
C GLU B 253 -4.83 8.86 16.73
N ALA B 254 -5.33 8.05 15.79
CA ALA B 254 -4.89 6.67 15.69
C ALA B 254 -3.41 6.59 15.34
N ARG B 255 -2.97 7.39 14.36
CA ARG B 255 -1.59 7.30 13.91
C ARG B 255 -0.62 7.90 14.93
N GLN B 256 -1.07 8.89 15.70
CA GLN B 256 -0.21 9.50 16.71
C GLN B 256 0.17 8.49 17.78
N VAL B 257 -0.79 7.67 18.23
CA VAL B 257 -0.50 6.62 19.19
C VAL B 257 0.42 5.56 18.58
N LEU B 258 0.13 5.15 17.34
CA LEU B 258 1.00 4.18 16.68
C LEU B 258 2.43 4.68 16.63
N GLU B 259 2.62 5.99 16.42
CA GLU B 259 3.97 6.54 16.41
C GLU B 259 4.66 6.35 17.75
N GLN B 260 3.91 6.44 18.84
CA GLN B 260 4.47 6.27 20.18
C GLN B 260 4.58 4.81 20.59
N ALA B 261 4.15 3.86 19.75
CA ALA B 261 4.01 2.47 20.13
C ALA B 261 5.32 1.70 19.96
N PRO B 262 5.65 0.82 20.90
CA PRO B 262 6.85 0.00 20.76
C PRO B 262 6.72 -0.96 19.58
N GLU B 263 7.87 -1.32 19.00
CA GLU B 263 7.88 -2.19 17.84
C GLU B 263 7.10 -3.47 18.08
N TRP B 264 7.20 -4.03 19.29
CA TRP B 264 6.57 -5.31 19.57
C TRP B 264 5.05 -5.26 19.57
N LEU B 265 4.45 -4.10 19.27
CA LEU B 265 3.01 -4.07 19.01
C LEU B 265 2.69 -4.58 17.61
N ASN B 266 3.60 -4.38 16.66
CA ASN B 266 3.41 -4.81 15.27
C ASN B 266 2.07 -4.31 14.74
N GLY B 267 1.90 -2.99 14.84
CA GLY B 267 0.61 -2.40 14.56
C GLY B 267 0.47 -1.69 13.23
N PHE B 268 -0.77 -1.53 12.78
CA PHE B 268 -1.10 -0.71 11.62
C PHE B 268 -2.40 0.04 11.91
N VAL B 269 -2.66 1.09 11.14
CA VAL B 269 -3.88 1.88 11.28
C VAL B 269 -4.70 1.74 10.01
N ALA B 270 -6.00 1.54 10.17
CA ALA B 270 -6.91 1.42 9.04
C ALA B 270 -8.30 1.89 9.47
N LYS B 271 -9.07 2.35 8.50
CA LYS B 271 -10.45 2.75 8.73
C LYS B 271 -11.38 1.57 8.55
N GLY B 272 -12.36 1.44 9.44
CA GLY B 272 -13.42 0.48 9.21
C GLY B 272 -14.23 0.83 7.98
N VAL B 273 -14.90 -0.18 7.42
CA VAL B 273 -15.81 0.05 6.31
C VAL B 273 -16.87 -1.03 6.32
N ASN B 274 -18.12 -0.61 6.13
CA ASN B 274 -19.26 -1.50 6.14
C ASN B 274 -19.53 -2.15 4.80
N LEU B 275 -18.85 -1.71 3.75
CA LEU B 275 -18.90 -2.35 2.44
C LEU B 275 -17.52 -2.89 2.10
N SER B 276 -17.43 -4.21 1.89
CA SER B 276 -16.19 -4.82 1.47
C SER B 276 -15.72 -4.20 0.15
N PRO B 277 -14.48 -3.73 0.07
CA PRO B 277 -13.93 -3.34 -1.24
C PRO B 277 -14.14 -4.38 -2.31
N LEU B 278 -14.09 -5.67 -1.95
CA LEU B 278 -14.29 -6.74 -2.92
C LEU B 278 -15.56 -6.53 -3.73
N HIS B 279 -16.64 -6.14 -3.06
CA HIS B 279 -17.92 -6.02 -3.74
C HIS B 279 -18.04 -4.73 -4.54
N ARG B 280 -17.32 -3.67 -4.15
CA ARG B 280 -17.24 -2.46 -4.95
C ARG B 280 -16.50 -2.77 -6.24
N ALA B 281 -16.16 -4.04 -6.44
CA ALA B 281 -15.43 -4.46 -7.63
C ALA B 281 -16.11 -5.67 -8.26
#